data_3UY6
#
_entry.id   3UY6
#
_cell.length_a   46.604
_cell.length_b   107.965
_cell.length_c   56.014
_cell.angle_alpha   90.000
_cell.angle_beta   108.350
_cell.angle_gamma   90.000
#
_symmetry.space_group_name_H-M   'P 1 21 1'
#
loop_
_entity.id
_entity.type
_entity.pdbx_description
1 polymer 'Regulatory protein BlaR1'
2 non-polymer 'SULFATE ION'
3 non-polymer GLYCEROL
4 water water
#
_entity_poly.entity_id   1
_entity_poly.type   'polypeptide(L)'
_entity_poly.pdbx_seq_one_letter_code
;QSITDYNYKKPLHNDYQILDKSKIFGSNSGSFVMYSMAADAYYIYNEKESRKRYSPNSTYKIYLAMFGLDRHIINDENSR
MSWNHKHYPFDAWNKEQDLNTAMQNSVVWYFERISDQIPKNYTATQLKQLNYGNKNLGSYKSYWMEDSLKISNLEQVIVF
KNMMEQNNHFSKKAKNQLSSSLLIKKNEKYELYGKTGTGIVNGKYNNGWFVGYVITNHDKYYFATHLSDGKPSGKNAELI
SEKILKEMGVLN
;
_entity_poly.pdbx_strand_id   A,B
#
# COMPACT_ATOMS: atom_id res chain seq x y z
N GLN A 1 10.52 -15.12 -34.18
CA GLN A 1 10.47 -16.38 -34.99
C GLN A 1 9.73 -16.20 -36.34
N SER A 2 8.42 -15.98 -36.28
CA SER A 2 7.59 -15.79 -37.46
CA SER A 2 7.62 -15.79 -37.49
C SER A 2 7.76 -14.37 -38.02
N ILE A 3 7.06 -14.11 -39.12
CA ILE A 3 7.00 -12.84 -39.81
C ILE A 3 6.33 -11.75 -38.97
N THR A 4 5.52 -12.19 -38.00
CA THR A 4 4.67 -11.32 -37.18
C THR A 4 5.16 -11.16 -35.73
N ASP A 5 6.35 -11.70 -35.42
CA ASP A 5 6.84 -11.72 -34.03
C ASP A 5 7.50 -10.44 -33.50
N TYR A 6 7.62 -9.45 -34.37
CA TYR A 6 8.34 -8.24 -34.01
C TYR A 6 7.41 -7.05 -34.05
N ASN A 7 6.14 -7.31 -34.34
CA ASN A 7 5.19 -6.25 -34.62
CA ASN A 7 5.19 -6.28 -34.68
C ASN A 7 3.76 -6.63 -34.24
N TYR A 8 3.06 -5.69 -33.60
CA TYR A 8 1.65 -5.87 -33.23
C TYR A 8 0.79 -5.08 -34.21
N LYS A 9 -0.04 -5.78 -34.98
CA LYS A 9 -0.74 -5.18 -36.13
C LYS A 9 -2.26 -5.00 -35.95
N LYS A 10 -2.80 -5.57 -34.87
CA LYS A 10 -4.25 -5.55 -34.60
C LYS A 10 -4.75 -4.13 -34.36
N PRO A 11 -5.77 -3.70 -35.17
CA PRO A 11 -6.35 -2.37 -35.06
C PRO A 11 -6.95 -2.11 -33.68
N LEU A 12 -6.91 -0.85 -33.27
CA LEU A 12 -7.52 -0.44 -32.02
C LEU A 12 -8.99 -0.24 -32.40
N HIS A 13 -9.89 -0.96 -31.73
CA HIS A 13 -11.31 -0.74 -31.92
C HIS A 13 -11.78 0.15 -30.77
N ASN A 14 -11.26 1.37 -30.77
CA ASN A 14 -11.25 2.24 -29.59
C ASN A 14 -10.93 3.66 -30.05
N ASP A 15 -11.44 4.62 -29.28
CA ASP A 15 -11.09 6.03 -29.38
C ASP A 15 -9.62 6.16 -29.00
N TYR A 16 -8.86 6.90 -29.79
CA TYR A 16 -7.43 7.11 -29.48
C TYR A 16 -6.99 8.53 -29.80
N GLN A 17 -6.04 9.04 -29.04
CA GLN A 17 -5.57 10.40 -29.23
C GLN A 17 -4.06 10.32 -29.40
N ILE A 18 -3.54 10.98 -30.41
CA ILE A 18 -2.10 11.02 -30.64
C ILE A 18 -1.46 12.17 -29.85
N LEU A 19 -0.41 11.85 -29.09
CA LEU A 19 0.29 12.82 -28.26
C LEU A 19 1.60 13.24 -28.91
N ASP A 20 2.13 14.38 -28.48
CA ASP A 20 3.48 14.79 -28.85
C ASP A 20 4.30 15.05 -27.59
N LYS A 21 5.02 14.01 -27.14
CA LYS A 21 5.85 14.09 -25.94
C LYS A 21 7.33 14.04 -26.29
N SER A 22 7.68 14.56 -27.47
CA SER A 22 9.05 14.48 -27.98
C SER A 22 10.09 15.28 -27.17
N LYS A 23 9.65 16.40 -26.59
CA LYS A 23 10.51 17.21 -25.74
C LYS A 23 10.95 16.51 -24.44
N ILE A 24 10.05 15.72 -23.86
CA ILE A 24 10.32 15.01 -22.62
C ILE A 24 11.20 13.79 -22.90
N PHE A 25 10.96 13.12 -24.03
CA PHE A 25 11.79 12.02 -24.50
C PHE A 25 13.20 12.51 -24.86
N GLY A 26 13.32 13.70 -25.41
CA GLY A 26 14.63 14.31 -25.70
C GLY A 26 15.42 13.55 -26.75
N SER A 27 16.65 13.17 -26.38
CA SER A 27 17.55 12.33 -27.19
C SER A 27 17.20 10.83 -27.13
N ASN A 28 16.30 10.46 -26.23
CA ASN A 28 15.88 9.07 -26.16
C ASN A 28 14.84 8.79 -27.24
N SER A 29 14.72 7.53 -27.64
CA SER A 29 13.74 7.10 -28.61
C SER A 29 12.84 6.08 -27.96
N GLY A 30 11.56 6.10 -28.32
CA GLY A 30 10.62 5.07 -27.90
C GLY A 30 9.21 5.59 -27.98
N SER A 31 8.33 5.05 -27.12
CA SER A 31 6.91 5.40 -27.15
C SER A 31 6.30 5.48 -25.77
N PHE A 32 5.09 6.01 -25.71
CA PHE A 32 4.35 6.08 -24.46
C PHE A 32 2.93 5.84 -24.87
N VAL A 33 2.24 5.08 -24.04
CA VAL A 33 0.85 4.71 -24.24
C VAL A 33 0.14 4.84 -22.90
N MET A 34 -1.05 5.41 -22.88
CA MET A 34 -1.88 5.39 -21.68
C MET A 34 -3.34 5.08 -22.03
N TYR A 35 -4.01 4.29 -21.20
CA TYR A 35 -5.41 3.99 -21.32
C TYR A 35 -6.16 4.54 -20.10
N SER A 36 -7.29 5.18 -20.33
CA SER A 36 -8.10 5.71 -19.24
C SER A 36 -9.37 4.87 -19.15
N MET A 37 -9.67 4.34 -17.96
CA MET A 37 -10.87 3.50 -17.72
C MET A 37 -12.17 4.26 -17.95
N ALA A 38 -12.23 5.48 -17.44
CA ALA A 38 -13.48 6.25 -17.52
C ALA A 38 -13.74 6.72 -18.94
N ALA A 39 -12.65 7.03 -19.65
CA ALA A 39 -12.75 7.52 -21.02
C ALA A 39 -12.83 6.39 -22.04
N ASP A 40 -12.34 5.20 -21.68
CA ASP A 40 -12.21 4.01 -22.56
C ASP A 40 -11.45 4.43 -23.82
N ALA A 41 -10.28 5.03 -23.62
CA ALA A 41 -9.58 5.66 -24.72
C ALA A 41 -8.08 5.58 -24.50
N TYR A 42 -7.35 5.45 -25.62
CA TYR A 42 -5.91 5.33 -25.59
C TYR A 42 -5.26 6.67 -25.95
N TYR A 43 -4.14 6.98 -25.32
CA TYR A 43 -3.38 8.20 -25.62
C TYR A 43 -2.02 7.71 -25.99
N ILE A 44 -1.55 8.00 -27.21
CA ILE A 44 -0.31 7.34 -27.71
C ILE A 44 0.69 8.37 -28.23
N TYR A 45 1.92 8.31 -27.71
CA TYR A 45 3.05 9.00 -28.37
C TYR A 45 3.85 7.98 -29.18
N ASN A 46 4.08 8.32 -30.46
CA ASN A 46 4.84 7.50 -31.43
CA ASN A 46 4.85 7.52 -31.42
C ASN A 46 4.17 6.16 -31.66
N GLU A 47 3.06 6.21 -32.39
CA GLU A 47 2.21 5.05 -32.58
C GLU A 47 2.84 3.86 -33.33
N LYS A 48 3.68 4.14 -34.33
CA LYS A 48 4.39 3.09 -35.07
C LYS A 48 5.32 2.31 -34.14
N GLU A 49 6.08 3.05 -33.35
CA GLU A 49 7.06 2.51 -32.45
C GLU A 49 6.37 1.83 -31.27
N SER A 50 5.16 2.28 -30.92
CA SER A 50 4.36 1.61 -29.88
C SER A 50 3.92 0.18 -30.22
N ARG A 51 3.94 -0.15 -31.51
CA ARG A 51 3.55 -1.46 -32.01
C ARG A 51 4.73 -2.40 -32.28
N LYS A 52 5.96 -1.91 -32.15
CA LYS A 52 7.13 -2.74 -32.34
C LYS A 52 7.29 -3.59 -31.07
N ARG A 53 7.52 -4.89 -31.24
CA ARG A 53 7.59 -5.79 -30.09
C ARG A 53 9.03 -5.93 -29.61
N TYR A 54 9.22 -5.81 -28.30
CA TYR A 54 10.53 -5.90 -27.68
C TYR A 54 10.44 -6.87 -26.51
N SER A 55 11.59 -7.45 -26.11
CA SER A 55 11.66 -8.26 -24.88
C SER A 55 11.10 -7.45 -23.70
N PRO A 56 10.18 -8.04 -22.90
CA PRO A 56 9.66 -7.29 -21.77
C PRO A 56 10.66 -7.08 -20.60
N ASN A 57 11.76 -7.85 -20.59
CA ASN A 57 12.69 -7.90 -19.46
C ASN A 57 11.94 -8.06 -18.12
N SER A 58 12.26 -7.24 -17.11
CA SER A 58 11.74 -7.47 -15.75
C SER A 58 10.28 -7.11 -15.59
N THR A 59 9.66 -6.48 -16.59
CA THR A 59 8.22 -6.18 -16.52
C THR A 59 7.38 -7.43 -16.58
N TYR A 60 7.94 -8.50 -17.16
CA TYR A 60 7.28 -9.80 -17.13
C TYR A 60 7.17 -10.40 -15.72
N LYS A 61 7.98 -9.92 -14.77
CA LYS A 61 7.85 -10.39 -13.36
C LYS A 61 6.46 -10.07 -12.76
N ILE A 62 5.76 -9.09 -13.31
CA ILE A 62 4.32 -8.90 -13.05
C ILE A 62 3.53 -10.17 -13.29
N TYR A 63 3.79 -10.82 -14.42
CA TYR A 63 3.06 -12.03 -14.83
C TYR A 63 3.55 -13.27 -14.11
N LEU A 64 4.87 -13.39 -13.92
CA LEU A 64 5.42 -14.48 -13.08
C LEU A 64 4.84 -14.46 -11.68
N ALA A 65 4.71 -13.25 -11.09
CA ALA A 65 4.06 -13.07 -9.76
C ALA A 65 2.58 -13.52 -9.77
N MET A 66 1.81 -13.09 -10.76
CA MET A 66 0.42 -13.52 -10.92
CA MET A 66 0.41 -13.54 -10.91
C MET A 66 0.30 -15.04 -11.07
N PHE A 67 1.17 -15.62 -11.90
CA PHE A 67 1.16 -17.05 -12.15
C PHE A 67 1.57 -17.79 -10.88
N GLY A 68 2.51 -17.24 -10.11
CA GLY A 68 3.00 -17.90 -8.88
C GLY A 68 1.91 -17.85 -7.81
N LEU A 69 1.11 -16.78 -7.83
CA LEU A 69 -0.03 -16.66 -6.90
C LEU A 69 -1.17 -17.62 -7.27
N ASP A 70 -1.45 -17.71 -8.57
CA ASP A 70 -2.55 -18.48 -9.13
C ASP A 70 -2.31 -19.97 -8.96
N ARG A 71 -1.04 -20.36 -9.00
CA ARG A 71 -0.65 -21.74 -8.81
C ARG A 71 -0.27 -22.05 -7.38
N HIS A 72 -0.38 -21.06 -6.49
CA HIS A 72 -0.03 -21.19 -5.05
C HIS A 72 1.43 -21.56 -4.76
N ILE A 73 2.35 -21.21 -5.67
CA ILE A 73 3.80 -21.24 -5.40
C ILE A 73 4.16 -20.25 -4.29
N ILE A 74 3.51 -19.09 -4.30
CA ILE A 74 3.52 -18.16 -3.17
C ILE A 74 2.09 -17.85 -2.75
N ASN A 75 1.89 -17.38 -1.53
CA ASN A 75 0.54 -16.91 -1.11
C ASN A 75 0.51 -15.61 -0.26
N ASP A 76 -0.57 -15.40 0.48
CA ASP A 76 -0.73 -14.28 1.42
C ASP A 76 -0.11 -14.45 2.83
N GLU A 77 -0.08 -15.67 3.34
CA GLU A 77 0.51 -15.95 4.65
C GLU A 77 2.01 -16.25 4.51
N ASN A 78 2.45 -16.60 3.29
CA ASN A 78 3.84 -16.93 3.00
C ASN A 78 4.18 -16.69 1.52
N SER A 79 4.99 -15.66 1.25
CA SER A 79 5.58 -15.52 -0.07
C SER A 79 7.12 -15.48 0.03
N ARG A 80 7.60 -15.91 1.20
CA ARG A 80 9.02 -15.91 1.52
C ARG A 80 9.84 -16.97 0.76
N MET A 81 11.02 -16.58 0.31
CA MET A 81 11.97 -17.53 -0.27
C MET A 81 13.35 -17.32 0.32
N SER A 82 13.96 -18.42 0.77
CA SER A 82 15.29 -18.36 1.33
C SER A 82 16.30 -18.18 0.20
N TRP A 83 17.29 -17.36 0.49
CA TRP A 83 18.48 -17.17 -0.31
C TRP A 83 19.22 -18.50 -0.38
N ASN A 84 19.74 -18.85 -1.56
CA ASN A 84 20.46 -20.13 -1.77
C ASN A 84 21.94 -20.01 -1.50
N HIS A 85 22.33 -18.80 -1.11
CA HIS A 85 23.65 -18.43 -0.62
C HIS A 85 24.66 -17.95 -1.65
N LYS A 86 24.24 -17.85 -2.91
CA LYS A 86 25.10 -17.35 -3.99
C LYS A 86 25.25 -15.83 -3.88
N HIS A 87 26.49 -15.34 -4.00
CA HIS A 87 26.76 -13.90 -3.96
C HIS A 87 26.36 -13.15 -5.24
N TYR A 88 25.53 -12.14 -5.09
CA TYR A 88 25.14 -11.27 -6.21
C TYR A 88 25.80 -9.91 -6.03
N PRO A 89 25.94 -9.12 -7.13
CA PRO A 89 26.54 -7.79 -6.98
C PRO A 89 25.79 -6.78 -6.09
N PHE A 90 24.51 -6.99 -5.79
CA PHE A 90 23.76 -6.11 -4.86
C PHE A 90 23.28 -6.83 -3.61
N ASP A 91 23.59 -6.28 -2.44
CA ASP A 91 23.25 -6.88 -1.13
C ASP A 91 21.75 -7.12 -0.83
N ALA A 92 20.88 -6.36 -1.51
CA ALA A 92 19.42 -6.54 -1.48
C ALA A 92 19.01 -7.92 -2.05
N TRP A 93 19.84 -8.44 -2.95
CA TRP A 93 19.60 -9.76 -3.51
C TRP A 93 20.15 -10.85 -2.63
N ASN A 94 21.18 -10.54 -1.82
CA ASN A 94 21.88 -11.51 -0.95
C ASN A 94 21.21 -11.82 0.41
N LYS A 95 19.91 -12.09 0.39
CA LYS A 95 19.14 -12.42 1.61
C LYS A 95 17.78 -12.99 1.20
N GLU A 96 17.06 -13.47 2.20
CA GLU A 96 15.67 -13.87 2.10
C GLU A 96 14.79 -12.77 1.48
N GLN A 97 13.77 -13.19 0.72
CA GLN A 97 12.90 -12.25 -0.01
C GLN A 97 11.45 -12.61 0.21
N ASP A 98 10.55 -11.64 0.08
CA ASP A 98 9.15 -11.99 -0.11
C ASP A 98 8.73 -11.41 -1.44
N LEU A 99 7.45 -11.48 -1.79
CA LEU A 99 7.07 -10.88 -3.09
C LEU A 99 7.30 -9.35 -3.16
N ASN A 100 6.98 -8.67 -2.06
CA ASN A 100 7.17 -7.21 -1.95
C ASN A 100 8.65 -6.78 -2.16
N THR A 101 9.57 -7.41 -1.43
CA THR A 101 11.00 -7.05 -1.51
C THR A 101 11.59 -7.43 -2.89
N ALA A 102 11.18 -8.59 -3.39
CA ALA A 102 11.69 -9.07 -4.65
C ALA A 102 11.19 -8.27 -5.81
N MET A 103 9.95 -7.81 -5.77
CA MET A 103 9.41 -6.95 -6.85
C MET A 103 10.09 -5.58 -6.85
N GLN A 104 10.26 -5.01 -5.66
CA GLN A 104 10.87 -3.69 -5.47
C GLN A 104 12.34 -3.62 -5.93
N ASN A 105 13.07 -4.70 -5.67
CA ASN A 105 14.49 -4.75 -5.98
C ASN A 105 14.82 -5.56 -7.23
N SER A 106 13.77 -5.96 -8.00
CA SER A 106 13.91 -6.77 -9.22
C SER A 106 14.91 -7.96 -9.06
N VAL A 107 14.68 -8.73 -8.00
CA VAL A 107 15.56 -9.80 -7.57
C VAL A 107 15.32 -10.96 -8.49
N VAL A 108 16.28 -11.18 -9.38
CA VAL A 108 16.09 -12.11 -10.50
C VAL A 108 15.88 -13.55 -10.06
N TRP A 109 16.66 -13.99 -9.08
CA TRP A 109 16.59 -15.36 -8.69
C TRP A 109 15.25 -15.80 -8.10
N TYR A 110 14.57 -14.87 -7.43
CA TYR A 110 13.23 -15.13 -6.88
C TYR A 110 12.27 -15.54 -8.00
N PHE A 111 12.23 -14.75 -9.05
CA PHE A 111 11.30 -14.95 -10.16
C PHE A 111 11.71 -16.12 -11.06
N GLU A 112 13.01 -16.36 -11.14
CA GLU A 112 13.51 -17.56 -11.82
C GLU A 112 13.12 -18.80 -11.05
N ARG A 113 13.15 -18.75 -9.71
CA ARG A 113 12.71 -19.91 -8.89
C ARG A 113 11.20 -20.20 -9.11
N ILE A 114 10.38 -19.17 -9.17
CA ILE A 114 8.95 -19.28 -9.54
C ILE A 114 8.73 -19.91 -10.93
N SER A 115 9.39 -19.34 -11.94
CA SER A 115 9.26 -19.78 -13.32
C SER A 115 9.65 -21.25 -13.53
N ASP A 116 10.64 -21.73 -12.78
CA ASP A 116 11.05 -23.14 -12.87
C ASP A 116 9.99 -24.13 -12.35
N GLN A 117 9.10 -23.68 -11.46
CA GLN A 117 8.02 -24.52 -10.94
C GLN A 117 6.77 -24.52 -11.81
N ILE A 118 6.71 -23.59 -12.75
CA ILE A 118 5.57 -23.49 -13.64
C ILE A 118 5.79 -24.31 -14.92
N PRO A 119 4.92 -25.30 -15.17
CA PRO A 119 5.02 -26.10 -16.40
C PRO A 119 4.77 -25.28 -17.64
N LYS A 120 5.52 -25.58 -18.71
CA LYS A 120 5.41 -24.83 -19.97
C LYS A 120 3.99 -24.76 -20.54
N ASN A 121 3.22 -25.83 -20.43
CA ASN A 121 1.84 -25.83 -20.96
C ASN A 121 0.89 -24.84 -20.26
N TYR A 122 1.11 -24.57 -18.96
CA TYR A 122 0.32 -23.56 -18.24
C TYR A 122 0.65 -22.19 -18.78
N THR A 123 1.94 -21.90 -18.88
CA THR A 123 2.40 -20.59 -19.38
C THR A 123 1.87 -20.32 -20.79
N ALA A 124 2.01 -21.31 -21.68
CA ALA A 124 1.50 -21.21 -23.04
C ALA A 124 -0.03 -20.91 -23.06
N THR A 125 -0.81 -21.66 -22.29
CA THR A 125 -2.24 -21.39 -22.07
C THR A 125 -2.53 -19.97 -21.55
N GLN A 126 -1.74 -19.50 -20.58
CA GLN A 126 -1.89 -18.16 -20.08
C GLN A 126 -1.57 -17.07 -21.09
N LEU A 127 -0.45 -17.20 -21.82
CA LEU A 127 -0.07 -16.16 -22.76
C LEU A 127 -1.05 -16.04 -23.94
N LYS A 128 -1.59 -17.18 -24.34
CA LYS A 128 -2.66 -17.27 -25.31
C LYS A 128 -3.92 -16.56 -24.84
N GLN A 129 -4.34 -16.84 -23.60
CA GLN A 129 -5.58 -16.26 -23.07
C GLN A 129 -5.43 -14.76 -22.80
N LEU A 130 -4.20 -14.32 -22.52
CA LEU A 130 -3.93 -12.93 -22.17
C LEU A 130 -3.55 -12.08 -23.40
N ASN A 131 -3.34 -12.76 -24.54
CA ASN A 131 -2.81 -12.18 -25.80
C ASN A 131 -1.47 -11.50 -25.58
N TYR A 132 -0.57 -12.18 -24.87
CA TYR A 132 0.67 -11.57 -24.46
C TYR A 132 1.69 -11.58 -25.63
N GLY A 133 1.76 -10.47 -26.38
CA GLY A 133 2.74 -10.26 -27.45
C GLY A 133 2.89 -11.42 -28.41
N ASN A 134 4.13 -11.84 -28.67
CA ASN A 134 4.33 -12.87 -29.68
C ASN A 134 4.10 -14.27 -29.14
N LYS A 135 3.89 -14.39 -27.81
CA LYS A 135 3.62 -15.67 -27.11
C LYS A 135 4.75 -16.71 -27.28
N ASN A 136 5.96 -16.25 -27.56
CA ASN A 136 7.03 -17.17 -27.99
C ASN A 136 7.89 -17.51 -26.77
N LEU A 137 7.75 -18.72 -26.28
CA LEU A 137 8.49 -19.18 -25.12
C LEU A 137 9.89 -19.69 -25.44
N GLY A 138 10.20 -19.91 -26.72
CA GLY A 138 11.53 -20.43 -27.15
C GLY A 138 12.01 -21.65 -26.35
N SER A 139 13.22 -21.54 -25.78
CA SER A 139 13.82 -22.60 -24.95
C SER A 139 13.22 -22.71 -23.52
N TYR A 140 12.38 -21.74 -23.16
CA TYR A 140 11.66 -21.70 -21.87
C TYR A 140 12.65 -21.65 -20.69
N LYS A 141 13.60 -20.72 -20.76
CA LYS A 141 14.50 -20.61 -19.62
C LYS A 141 14.26 -19.31 -18.88
N SER A 142 15.07 -18.32 -19.13
CA SER A 142 14.72 -16.98 -18.73
C SER A 142 14.24 -16.33 -20.03
N TYR A 143 13.15 -16.86 -20.58
CA TYR A 143 12.64 -16.49 -21.90
C TYR A 143 12.16 -15.04 -22.04
N TRP A 144 11.96 -14.37 -20.92
CA TRP A 144 11.57 -12.95 -20.89
C TRP A 144 12.71 -11.95 -20.83
N MET A 145 13.97 -12.40 -20.77
CA MET A 145 15.09 -11.49 -20.64
CA MET A 145 15.09 -11.49 -20.63
C MET A 145 15.93 -11.58 -21.89
N GLU A 146 15.79 -10.56 -22.74
CA GLU A 146 16.44 -10.48 -24.06
C GLU A 146 16.43 -11.80 -24.82
N ASP A 147 15.26 -12.40 -24.95
CA ASP A 147 15.16 -13.74 -25.53
C ASP A 147 13.96 -13.82 -26.49
N SER A 148 13.27 -14.95 -26.58
CA SER A 148 12.25 -15.17 -27.62
C SER A 148 10.97 -14.35 -27.42
N LEU A 149 10.62 -14.12 -26.15
CA LEU A 149 9.33 -13.48 -25.84
C LEU A 149 9.43 -11.99 -26.05
N LYS A 150 8.51 -11.47 -26.86
CA LYS A 150 8.45 -10.06 -27.14
C LYS A 150 7.02 -9.56 -27.10
N ILE A 151 6.91 -8.27 -26.75
CA ILE A 151 5.64 -7.60 -26.57
C ILE A 151 5.78 -6.10 -26.94
N SER A 152 4.74 -5.50 -27.51
CA SER A 152 4.80 -4.10 -27.81
C SER A 152 4.34 -3.23 -26.66
N ASN A 153 4.69 -1.95 -26.72
CA ASN A 153 4.31 -0.94 -25.73
C ASN A 153 2.79 -0.85 -25.65
N LEU A 154 2.13 -0.82 -26.81
CA LEU A 154 0.65 -0.85 -26.85
C LEU A 154 0.08 -2.10 -26.17
N GLU A 155 0.60 -3.27 -26.52
CA GLU A 155 0.16 -4.49 -25.84
C GLU A 155 0.44 -4.54 -24.37
N GLN A 156 1.54 -3.95 -23.91
CA GLN A 156 1.78 -3.90 -22.45
C GLN A 156 0.59 -3.28 -21.69
N VAL A 157 0.02 -2.22 -22.26
CA VAL A 157 -1.13 -1.53 -21.63
C VAL A 157 -2.40 -2.37 -21.78
N ILE A 158 -2.68 -2.80 -23.00
CA ILE A 158 -3.87 -3.58 -23.29
C ILE A 158 -3.94 -4.85 -22.42
N VAL A 159 -2.84 -5.61 -22.40
CA VAL A 159 -2.81 -6.92 -21.73
C VAL A 159 -2.93 -6.77 -20.20
N PHE A 160 -2.24 -5.78 -19.63
CA PHE A 160 -2.25 -5.52 -18.16
C PHE A 160 -3.63 -5.07 -17.72
N LYS A 161 -4.20 -4.10 -18.46
CA LYS A 161 -5.55 -3.62 -18.22
C LYS A 161 -6.52 -4.79 -18.25
N ASN A 162 -6.46 -5.65 -19.27
CA ASN A 162 -7.43 -6.76 -19.37
C ASN A 162 -7.23 -7.82 -18.30
N MET A 163 -5.97 -8.07 -17.94
CA MET A 163 -5.70 -9.04 -16.90
C MET A 163 -6.29 -8.60 -15.55
N MET A 164 -6.05 -7.34 -15.20
CA MET A 164 -6.56 -6.78 -13.95
C MET A 164 -8.08 -6.57 -13.98
N GLU A 165 -8.61 -5.97 -15.05
CA GLU A 165 -10.03 -5.52 -15.08
C GLU A 165 -11.13 -6.54 -15.48
N GLN A 166 -10.82 -7.51 -16.32
CA GLN A 166 -11.80 -8.53 -16.68
CA GLN A 166 -11.78 -8.58 -16.69
C GLN A 166 -11.99 -9.55 -15.53
N ASN A 167 -13.20 -10.09 -15.44
CA ASN A 167 -13.45 -11.21 -14.52
C ASN A 167 -12.95 -12.49 -15.17
N ASN A 168 -11.71 -12.85 -14.86
CA ASN A 168 -11.12 -14.02 -15.45
C ASN A 168 -10.90 -15.05 -14.35
N HIS A 169 -10.01 -16.01 -14.59
CA HIS A 169 -9.82 -17.07 -13.60
C HIS A 169 -8.80 -16.66 -12.54
N PHE A 170 -8.11 -15.52 -12.74
CA PHE A 170 -7.27 -14.99 -11.68
C PHE A 170 -8.17 -14.39 -10.60
N SER A 171 -7.94 -14.78 -9.35
CA SER A 171 -8.77 -14.37 -8.23
C SER A 171 -8.43 -12.93 -7.86
N LYS A 172 -9.33 -12.35 -7.09
CA LYS A 172 -9.27 -10.98 -6.68
C LYS A 172 -8.21 -10.82 -5.58
N LYS A 173 -8.05 -11.80 -4.71
CA LYS A 173 -6.98 -11.65 -3.72
C LYS A 173 -5.56 -11.74 -4.35
N ALA A 174 -5.39 -12.53 -5.39
CA ALA A 174 -4.09 -12.57 -6.14
C ALA A 174 -3.83 -11.22 -6.82
N LYS A 175 -4.87 -10.65 -7.43
CA LYS A 175 -4.76 -9.31 -8.05
C LYS A 175 -4.36 -8.23 -7.04
N ASN A 176 -4.94 -8.31 -5.84
CA ASN A 176 -4.67 -7.37 -4.73
C ASN A 176 -3.25 -7.55 -4.17
N GLN A 177 -2.84 -8.80 -4.04
CA GLN A 177 -1.48 -9.08 -3.57
C GLN A 177 -0.45 -8.60 -4.63
N LEU A 178 -0.76 -8.78 -5.92
CA LEU A 178 0.14 -8.26 -6.95
C LEU A 178 0.26 -6.75 -6.87
N SER A 179 -0.88 -6.08 -6.73
CA SER A 179 -0.95 -4.63 -6.59
C SER A 179 -0.15 -4.05 -5.46
N SER A 180 -0.29 -4.63 -4.27
CA SER A 180 0.53 -4.20 -3.11
C SER A 180 2.00 -4.26 -3.40
N SER A 181 2.42 -5.37 -4.03
CA SER A 181 3.84 -5.53 -4.47
C SER A 181 4.34 -4.49 -5.48
N LEU A 182 3.43 -3.95 -6.29
CA LEU A 182 3.74 -2.93 -7.29
C LEU A 182 3.58 -1.47 -6.89
N LEU A 183 3.06 -1.20 -5.68
CA LEU A 183 2.84 0.18 -5.26
C LEU A 183 4.14 0.96 -5.11
N ILE A 184 4.23 2.12 -5.76
CA ILE A 184 5.46 2.90 -5.69
C ILE A 184 5.23 4.16 -4.85
N LYS A 185 4.09 4.81 -5.08
CA LYS A 185 3.85 6.12 -4.49
C LYS A 185 2.35 6.22 -4.16
N LYS A 186 2.02 6.80 -3.02
CA LYS A 186 0.63 7.06 -2.63
C LYS A 186 0.60 8.38 -1.86
N ASN A 187 -0.26 9.31 -2.27
CA ASN A 187 -0.54 10.49 -1.44
C ASN A 187 -2.03 10.80 -1.44
N GLU A 188 -2.40 12.05 -1.17
CA GLU A 188 -3.80 12.51 -1.16
C GLU A 188 -4.44 12.42 -2.54
N LYS A 189 -3.63 12.56 -3.58
CA LYS A 189 -4.13 12.72 -4.94
C LYS A 189 -4.18 11.43 -5.74
N TYR A 190 -3.19 10.54 -5.54
CA TYR A 190 -3.07 9.34 -6.35
C TYR A 190 -2.37 8.16 -5.66
N GLU A 191 -2.49 7.00 -6.30
CA GLU A 191 -1.65 5.82 -6.04
C GLU A 191 -1.01 5.45 -7.36
N LEU A 192 0.31 5.34 -7.36
CA LEU A 192 1.09 4.95 -8.54
C LEU A 192 1.72 3.55 -8.32
N TYR A 193 1.46 2.67 -9.29
CA TYR A 193 1.87 1.30 -9.23
C TYR A 193 2.71 1.06 -10.45
N GLY A 194 3.76 0.26 -10.35
CA GLY A 194 4.54 -0.03 -11.57
C GLY A 194 5.74 -0.91 -11.40
N LYS A 195 6.42 -1.17 -12.54
CA LYS A 195 7.53 -2.11 -12.60
C LYS A 195 8.49 -1.69 -13.72
N THR A 196 9.75 -1.44 -13.38
CA THR A 196 10.78 -1.16 -14.38
C THR A 196 11.22 -2.46 -15.10
N GLY A 197 11.89 -2.27 -16.25
CA GLY A 197 12.51 -3.37 -16.96
C GLY A 197 13.70 -2.79 -17.72
N THR A 198 14.82 -3.49 -17.66
CA THR A 198 16.06 -3.01 -18.25
C THR A 198 16.73 -4.18 -18.97
N GLY A 199 17.02 -4.01 -20.25
CA GLY A 199 17.79 -5.01 -20.97
C GLY A 199 19.19 -4.52 -21.15
N ILE A 200 20.18 -5.39 -20.91
CA ILE A 200 21.60 -5.09 -21.11
C ILE A 200 22.24 -6.05 -22.14
N VAL A 201 22.82 -5.48 -23.20
CA VAL A 201 23.49 -6.22 -24.25
C VAL A 201 24.90 -5.64 -24.37
N ASN A 202 25.91 -6.48 -24.11
CA ASN A 202 27.34 -6.11 -24.15
C ASN A 202 27.72 -4.92 -23.30
N GLY A 203 27.17 -4.90 -22.08
CA GLY A 203 27.42 -3.84 -21.10
C GLY A 203 26.68 -2.54 -21.35
N LYS A 204 25.82 -2.52 -22.37
CA LYS A 204 25.11 -1.32 -22.80
C LYS A 204 23.61 -1.52 -22.62
N TYR A 205 22.90 -0.45 -22.25
CA TYR A 205 21.44 -0.54 -22.16
C TYR A 205 20.93 -0.65 -23.58
N ASN A 206 19.99 -1.57 -23.81
CA ASN A 206 19.41 -1.76 -25.12
CA ASN A 206 19.42 -1.62 -25.14
C ASN A 206 17.90 -1.59 -25.13
N ASN A 207 17.31 -1.60 -23.93
CA ASN A 207 15.86 -1.77 -23.81
C ASN A 207 15.32 -1.30 -22.45
N GLY A 208 14.52 -0.23 -22.40
CA GLY A 208 14.02 0.29 -21.12
C GLY A 208 12.51 0.35 -21.03
N TRP A 209 11.95 -0.04 -19.89
CA TRP A 209 10.50 -0.13 -19.73
C TRP A 209 10.08 0.40 -18.36
N PHE A 210 8.88 0.94 -18.29
CA PHE A 210 8.18 1.12 -17.04
C PHE A 210 6.70 0.93 -17.32
N VAL A 211 6.08 -0.09 -16.73
CA VAL A 211 4.69 -0.46 -17.05
C VAL A 211 3.92 -0.36 -15.72
N GLY A 212 2.74 0.29 -15.72
CA GLY A 212 2.02 0.32 -14.48
C GLY A 212 0.64 0.93 -14.59
N TYR A 213 0.18 1.44 -13.46
CA TYR A 213 -1.10 2.07 -13.40
C TYR A 213 -1.23 3.07 -12.27
N VAL A 214 -2.14 4.03 -12.42
CA VAL A 214 -2.41 5.11 -11.47
C VAL A 214 -3.89 5.06 -11.10
N ILE A 215 -4.20 5.09 -9.81
CA ILE A 215 -5.57 5.27 -9.35
C ILE A 215 -5.68 6.69 -8.80
N THR A 216 -6.63 7.48 -9.32
CA THR A 216 -6.99 8.75 -8.67
C THR A 216 -8.37 8.60 -8.07
N ASN A 217 -8.84 9.69 -7.46
CA ASN A 217 -10.21 9.76 -6.95
C ASN A 217 -11.28 9.64 -8.06
N HIS A 218 -10.93 9.97 -9.29
CA HIS A 218 -11.89 10.07 -10.40
C HIS A 218 -11.73 9.02 -11.52
N ASP A 219 -10.55 8.39 -11.62
CA ASP A 219 -10.26 7.51 -12.75
C ASP A 219 -9.12 6.48 -12.42
N LYS A 220 -8.84 5.60 -13.37
CA LYS A 220 -7.78 4.64 -13.25
C LYS A 220 -7.09 4.58 -14.61
N TYR A 221 -5.79 4.71 -14.63
CA TYR A 221 -5.08 4.82 -15.88
C TYR A 221 -4.02 3.75 -15.90
N TYR A 222 -3.99 2.95 -16.96
CA TYR A 222 -2.88 2.03 -17.20
C TYR A 222 -1.95 2.71 -18.19
N PHE A 223 -0.65 2.52 -18.04
CA PHE A 223 0.30 3.15 -18.91
C PHE A 223 1.56 2.30 -19.10
N ALA A 224 2.34 2.64 -20.13
CA ALA A 224 3.67 2.06 -20.31
C ALA A 224 4.52 2.94 -21.19
N THR A 225 5.80 3.03 -20.84
CA THR A 225 6.81 3.77 -21.60
C THR A 225 7.81 2.73 -22.04
N HIS A 226 8.19 2.76 -23.32
CA HIS A 226 9.27 1.92 -23.75
C HIS A 226 10.34 2.82 -24.32
N LEU A 227 11.61 2.59 -23.91
CA LEU A 227 12.77 3.21 -24.56
C LEU A 227 13.59 2.21 -25.38
N SER A 228 13.83 2.56 -26.65
CA SER A 228 14.59 1.72 -27.60
C SER A 228 15.98 2.25 -27.94
N ASP A 229 16.28 3.51 -27.65
CA ASP A 229 17.63 4.08 -27.91
C ASP A 229 17.86 5.32 -27.08
N GLY A 230 19.10 5.79 -27.08
CA GLY A 230 19.50 6.95 -26.31
C GLY A 230 20.11 6.45 -25.02
N LYS A 231 19.32 6.47 -23.95
CA LYS A 231 19.71 5.81 -22.71
C LYS A 231 18.53 4.93 -22.30
N PRO A 232 18.43 3.74 -22.91
CA PRO A 232 17.21 2.98 -22.70
C PRO A 232 17.23 2.09 -21.45
N SER A 233 17.18 2.69 -20.26
CA SER A 233 17.05 1.91 -19.02
C SER A 233 15.65 1.98 -18.43
N GLY A 234 15.34 1.06 -17.54
CA GLY A 234 14.04 1.10 -16.79
C GLY A 234 13.94 2.37 -15.98
N LYS A 235 15.05 2.75 -15.33
CA LYS A 235 15.07 3.97 -14.49
C LYS A 235 14.74 5.24 -15.32
N ASN A 236 15.36 5.34 -16.50
CA ASN A 236 15.03 6.44 -17.44
C ASN A 236 13.56 6.41 -17.95
N ALA A 237 13.06 5.24 -18.28
CA ALA A 237 11.65 5.04 -18.70
C ALA A 237 10.66 5.44 -17.59
N GLU A 238 11.03 5.13 -16.35
CA GLU A 238 10.23 5.53 -15.18
C GLU A 238 10.17 7.07 -15.05
N LEU A 239 11.32 7.71 -15.20
CA LEU A 239 11.46 9.16 -15.09
C LEU A 239 10.63 9.89 -16.15
N ILE A 240 10.68 9.37 -17.38
CA ILE A 240 9.91 9.86 -18.50
C ILE A 240 8.40 9.67 -18.29
N SER A 241 8.01 8.51 -17.78
CA SER A 241 6.63 8.25 -17.44
C SER A 241 6.07 9.28 -16.45
N GLU A 242 6.88 9.60 -15.43
CA GLU A 242 6.42 10.46 -14.37
C GLU A 242 6.23 11.88 -14.88
N LYS A 243 7.12 12.36 -15.73
CA LYS A 243 6.97 13.70 -16.33
C LYS A 243 5.73 13.84 -17.24
N ILE A 244 5.41 12.76 -17.94
CA ILE A 244 4.31 12.73 -18.90
C ILE A 244 2.98 12.60 -18.17
N LEU A 245 2.92 11.71 -17.18
CA LEU A 245 1.70 11.57 -16.36
C LEU A 245 1.38 12.87 -15.61
N LYS A 246 2.41 13.55 -15.15
CA LYS A 246 2.25 14.81 -14.48
C LYS A 246 1.77 15.92 -15.41
N GLU A 247 2.34 16.01 -16.61
CA GLU A 247 1.90 16.97 -17.64
C GLU A 247 0.46 16.72 -18.07
N MET A 248 0.09 15.46 -18.14
CA MET A 248 -1.26 15.10 -18.51
C MET A 248 -2.31 15.29 -17.42
N GLY A 249 -1.88 15.54 -16.18
CA GLY A 249 -2.79 15.87 -15.10
C GLY A 249 -3.21 14.67 -14.29
N VAL A 250 -2.57 13.54 -14.58
CA VAL A 250 -2.90 12.28 -13.97
C VAL A 250 -2.44 12.24 -12.51
N LEU A 251 -1.38 12.97 -12.19
CA LEU A 251 -0.82 12.92 -10.84
C LEU A 251 -1.26 14.04 -9.89
N ASN A 252 -2.30 14.77 -10.24
CA ASN A 252 -2.70 15.85 -9.34
C ASN A 252 -4.21 15.85 -9.07
N GLN B 1 -13.07 4.95 34.93
CA GLN B 1 -14.22 4.82 35.89
C GLN B 1 -13.87 4.29 37.31
N SER B 2 -12.67 4.62 37.80
CA SER B 2 -12.23 4.38 39.18
CA SER B 2 -12.23 4.36 39.18
C SER B 2 -11.15 5.39 39.60
N ILE B 3 -10.60 5.22 40.81
CA ILE B 3 -9.67 6.18 41.41
C ILE B 3 -8.33 6.36 40.67
N THR B 4 -7.68 5.25 40.33
CA THR B 4 -6.41 5.29 39.57
C THR B 4 -6.64 4.97 38.08
N ASP B 5 -7.90 4.93 37.67
CA ASP B 5 -8.31 4.57 36.32
C ASP B 5 -7.97 5.62 35.29
N TYR B 6 -7.93 6.88 35.70
CA TYR B 6 -7.71 7.97 34.76
C TYR B 6 -6.25 8.14 34.32
N ASN B 7 -5.33 7.46 35.00
CA ASN B 7 -3.88 7.62 34.78
CA ASN B 7 -3.91 7.61 34.69
C ASN B 7 -3.17 6.29 34.50
N TYR B 8 -2.40 6.26 33.44
CA TYR B 8 -1.53 5.14 33.19
C TYR B 8 -0.30 5.34 34.09
N LYS B 9 -0.05 4.43 35.01
CA LYS B 9 0.99 4.73 35.99
C LYS B 9 2.28 3.92 35.88
N LYS B 10 2.25 2.86 35.08
CA LYS B 10 3.41 1.97 34.88
C LYS B 10 4.63 2.72 34.35
N PRO B 11 5.75 2.66 35.09
CA PRO B 11 6.98 3.33 34.68
C PRO B 11 7.55 2.75 33.39
N LEU B 12 8.19 3.61 32.62
CA LEU B 12 8.90 3.20 31.42
C LEU B 12 10.20 2.54 31.87
N HIS B 13 10.48 1.35 31.35
CA HIS B 13 11.72 0.66 31.69
C HIS B 13 12.81 0.96 30.65
N ASN B 14 12.50 1.91 29.78
CA ASN B 14 13.27 2.25 28.60
C ASN B 14 13.96 3.60 28.84
N ASP B 15 14.82 3.98 27.90
CA ASP B 15 15.28 5.36 27.77
C ASP B 15 14.09 6.18 27.27
N TYR B 16 13.87 7.33 27.89
CA TYR B 16 12.87 8.30 27.40
C TYR B 16 13.54 9.64 27.14
N GLN B 17 12.98 10.40 26.22
CA GLN B 17 13.49 11.71 25.99
C GLN B 17 12.40 12.78 25.99
N ILE B 18 12.63 13.85 26.73
CA ILE B 18 11.62 14.89 26.86
C ILE B 18 11.76 15.90 25.71
N LEU B 19 10.66 16.06 24.97
CA LEU B 19 10.60 16.96 23.81
C LEU B 19 9.92 18.25 24.23
N ASP B 20 10.16 19.32 23.48
CA ASP B 20 9.41 20.57 23.63
C ASP B 20 8.91 20.91 22.24
N LYS B 21 7.64 20.59 22.01
CA LYS B 21 6.97 20.87 20.75
C LYS B 21 5.83 21.86 20.96
N SER B 22 6.03 22.81 21.90
CA SER B 22 5.03 23.81 22.27
C SER B 22 4.65 24.77 21.12
N LYS B 23 5.69 25.23 20.41
CA LYS B 23 5.56 25.97 19.15
C LYS B 23 4.55 25.36 18.19
N ILE B 24 4.72 24.09 17.87
CA ILE B 24 3.83 23.38 16.94
C ILE B 24 2.40 23.19 17.48
N PHE B 25 2.28 22.84 18.76
CA PHE B 25 0.95 22.65 19.38
C PHE B 25 0.15 23.95 19.40
N GLY B 26 0.84 25.03 19.70
CA GLY B 26 0.31 26.38 19.58
C GLY B 26 -0.74 26.61 20.63
N SER B 27 -1.95 26.90 20.15
CA SER B 27 -3.09 27.14 21.03
C SER B 27 -3.77 25.84 21.48
N ASN B 28 -3.37 24.71 20.93
CA ASN B 28 -3.90 23.43 21.35
C ASN B 28 -3.17 22.80 22.54
N SER B 29 -3.91 22.08 23.39
CA SER B 29 -3.33 21.34 24.51
C SER B 29 -3.31 19.85 24.19
N GLY B 30 -2.37 19.13 24.78
CA GLY B 30 -2.22 17.70 24.55
C GLY B 30 -0.78 17.19 24.63
N SER B 31 -0.50 16.10 23.91
CA SER B 31 0.83 15.46 24.01
C SER B 31 1.19 14.75 22.72
N PHE B 32 2.47 14.38 22.60
CA PHE B 32 2.97 13.60 21.48
C PHE B 32 3.83 12.51 22.06
N VAL B 33 3.71 11.28 21.57
CA VAL B 33 4.60 10.18 21.99
C VAL B 33 5.14 9.49 20.73
N MET B 34 6.45 9.21 20.69
CA MET B 34 7.03 8.33 19.63
C MET B 34 7.91 7.20 20.17
N TYR B 35 7.87 6.05 19.53
CA TYR B 35 8.77 4.98 19.88
C TYR B 35 9.60 4.66 18.67
N SER B 36 10.92 4.66 18.82
CA SER B 36 11.76 4.16 17.75
C SER B 36 12.08 2.68 18.00
N MET B 37 11.77 1.82 17.02
CA MET B 37 12.17 0.38 17.02
C MET B 37 13.69 0.11 17.19
N ALA B 38 14.52 0.74 16.36
CA ALA B 38 15.98 0.50 16.38
C ALA B 38 16.64 1.02 17.65
N ALA B 39 16.02 2.03 18.25
CA ALA B 39 16.60 2.70 19.38
C ALA B 39 16.12 2.08 20.69
N ASP B 40 14.97 1.40 20.63
CA ASP B 40 14.18 0.99 21.81
C ASP B 40 13.99 2.19 22.77
N ALA B 41 13.58 3.33 22.20
CA ALA B 41 13.53 4.56 22.98
C ALA B 41 12.22 5.30 22.74
N TYR B 42 11.72 5.93 23.81
CA TYR B 42 10.53 6.76 23.71
C TYR B 42 10.87 8.24 23.63
N TYR B 43 10.05 8.98 22.91
CA TYR B 43 10.23 10.42 22.79
C TYR B 43 8.88 11.03 23.14
N ILE B 44 8.84 11.89 24.17
CA ILE B 44 7.54 12.37 24.73
C ILE B 44 7.47 13.91 24.91
N TYR B 45 6.45 14.54 24.33
CA TYR B 45 6.15 15.93 24.66
C TYR B 45 4.99 15.90 25.64
N ASN B 46 5.16 16.57 26.80
CA ASN B 46 4.19 16.59 27.93
C ASN B 46 3.88 15.23 28.51
N GLU B 47 4.84 14.70 29.25
CA GLU B 47 4.80 13.36 29.84
C GLU B 47 3.62 13.07 30.78
N LYS B 48 3.29 14.02 31.67
CA LYS B 48 2.17 13.86 32.61
C LYS B 48 0.85 13.73 31.82
N GLU B 49 0.68 14.65 30.88
CA GLU B 49 -0.47 14.71 30.00
C GLU B 49 -0.61 13.44 29.14
N SER B 50 0.50 12.92 28.63
CA SER B 50 0.56 11.64 27.91
C SER B 50 0.10 10.40 28.70
N ARG B 51 -0.05 10.54 30.01
CA ARG B 51 -0.48 9.45 30.88
C ARG B 51 -1.96 9.52 31.28
N LYS B 52 -2.63 10.62 30.96
CA LYS B 52 -4.06 10.79 31.24
CA LYS B 52 -4.05 10.77 31.27
C LYS B 52 -4.88 10.00 30.21
N ARG B 53 -5.86 9.26 30.69
CA ARG B 53 -6.62 8.41 29.80
C ARG B 53 -7.82 9.16 29.18
N TYR B 54 -8.04 8.96 27.89
CA TYR B 54 -9.14 9.57 27.18
C TYR B 54 -9.79 8.50 26.31
N SER B 55 -11.05 8.73 25.92
CA SER B 55 -11.75 7.86 24.99
C SER B 55 -10.97 7.78 23.69
N PRO B 56 -10.82 6.56 23.16
CA PRO B 56 -9.99 6.51 21.95
C PRO B 56 -10.72 6.96 20.65
N ASN B 57 -12.04 7.16 20.73
CA ASN B 57 -12.90 7.42 19.57
C ASN B 57 -12.57 6.47 18.40
N SER B 58 -12.48 7.01 17.19
CA SER B 58 -12.25 6.17 16.02
C SER B 58 -10.89 5.50 15.89
N THR B 59 -9.91 5.83 16.75
CA THR B 59 -8.64 5.09 16.75
C THR B 59 -8.81 3.65 17.16
N TYR B 60 -9.92 3.35 17.83
CA TYR B 60 -10.17 1.98 18.25
C TYR B 60 -10.63 1.12 17.09
N LYS B 61 -11.01 1.77 15.98
CA LYS B 61 -11.33 0.99 14.75
C LYS B 61 -10.16 0.13 14.25
N ILE B 62 -8.92 0.53 14.52
CA ILE B 62 -7.72 -0.32 14.35
C ILE B 62 -7.92 -1.69 14.98
N TYR B 63 -8.40 -1.65 16.22
CA TYR B 63 -8.55 -2.86 17.00
C TYR B 63 -9.81 -3.61 16.57
N LEU B 64 -10.88 -2.88 16.24
CA LEU B 64 -12.09 -3.56 15.74
C LEU B 64 -11.84 -4.32 14.43
N ALA B 65 -11.06 -3.69 13.54
CA ALA B 65 -10.58 -4.33 12.32
C ALA B 65 -9.76 -5.58 12.64
N MET B 66 -8.80 -5.46 13.57
CA MET B 66 -8.02 -6.63 14.00
CA MET B 66 -8.03 -6.62 14.02
C MET B 66 -8.89 -7.74 14.58
N PHE B 67 -9.89 -7.40 15.39
CA PHE B 67 -10.76 -8.41 15.97
C PHE B 67 -11.63 -9.05 14.85
N GLY B 68 -12.13 -8.25 13.91
CA GLY B 68 -12.90 -8.75 12.77
C GLY B 68 -12.15 -9.75 11.88
N LEU B 69 -10.89 -9.42 11.57
CA LEU B 69 -9.99 -10.32 10.83
C LEU B 69 -9.72 -11.60 11.62
N ASP B 70 -9.49 -11.46 12.93
CA ASP B 70 -9.19 -12.58 13.81
C ASP B 70 -10.33 -13.60 13.93
N ARG B 71 -11.57 -13.12 13.94
CA ARG B 71 -12.72 -13.98 14.15
C ARG B 71 -13.44 -14.30 12.84
N HIS B 72 -12.81 -13.91 11.73
CA HIS B 72 -13.28 -14.19 10.35
C HIS B 72 -14.63 -13.58 9.99
N ILE B 73 -14.92 -12.43 10.61
CA ILE B 73 -16.08 -11.62 10.27
C ILE B 73 -15.79 -10.98 8.91
N ILE B 74 -14.53 -10.59 8.72
CA ILE B 74 -14.01 -10.16 7.42
C ILE B 74 -12.72 -10.95 7.07
N ASN B 75 -12.37 -11.05 5.79
CA ASN B 75 -11.05 -11.54 5.37
C ASN B 75 -10.46 -10.85 4.14
N ASP B 76 -9.47 -11.47 3.49
CA ASP B 76 -8.80 -10.85 2.32
C ASP B 76 -9.42 -11.12 0.95
N GLU B 77 -10.34 -12.08 0.84
CA GLU B 77 -11.12 -12.16 -0.38
C GLU B 77 -12.36 -11.29 -0.21
N ASN B 78 -12.95 -11.31 0.98
CA ASN B 78 -14.16 -10.52 1.25
C ASN B 78 -14.16 -9.74 2.56
N SER B 79 -14.01 -8.42 2.44
CA SER B 79 -14.24 -7.52 3.59
C SER B 79 -15.38 -6.53 3.32
N ARG B 80 -16.13 -6.80 2.24
CA ARG B 80 -17.22 -5.93 1.82
C ARG B 80 -18.46 -6.06 2.70
N MET B 81 -19.06 -4.91 3.01
CA MET B 81 -20.37 -4.84 3.71
C MET B 81 -21.29 -3.88 2.99
N SER B 82 -22.54 -4.30 2.78
CA SER B 82 -23.50 -3.45 2.09
C SER B 82 -24.11 -2.37 3.01
N TRP B 83 -24.45 -1.25 2.38
CA TRP B 83 -25.12 -0.11 3.01
C TRP B 83 -26.58 -0.48 3.19
N ASN B 84 -27.17 -0.18 4.35
CA ASN B 84 -28.59 -0.55 4.61
C ASN B 84 -29.63 0.49 4.18
N HIS B 85 -29.12 1.53 3.52
CA HIS B 85 -29.87 2.60 2.83
C HIS B 85 -30.22 3.76 3.75
N LYS B 86 -29.69 3.73 4.98
CA LYS B 86 -29.75 4.90 5.87
C LYS B 86 -28.83 6.04 5.38
N HIS B 87 -29.41 7.23 5.23
CA HIS B 87 -28.70 8.44 4.80
C HIS B 87 -27.79 9.04 5.88
N TYR B 88 -26.52 9.27 5.54
CA TYR B 88 -25.59 9.93 6.45
C TYR B 88 -25.27 11.33 5.91
N PRO B 89 -24.80 12.27 6.76
CA PRO B 89 -24.43 13.58 6.20
C PRO B 89 -23.15 13.62 5.30
N PHE B 90 -22.50 12.48 5.08
CA PHE B 90 -21.38 12.36 4.13
C PHE B 90 -21.67 11.25 3.12
N ASP B 91 -21.53 11.56 1.82
CA ASP B 91 -21.81 10.59 0.75
C ASP B 91 -20.87 9.37 0.68
N ALA B 92 -19.63 9.50 1.18
CA ALA B 92 -18.67 8.42 1.29
C ALA B 92 -19.15 7.29 2.21
N TRP B 93 -20.11 7.63 3.10
CA TRP B 93 -20.74 6.68 3.99
C TRP B 93 -21.97 6.05 3.38
N ASN B 94 -22.56 6.69 2.37
CA ASN B 94 -23.82 6.22 1.75
C ASN B 94 -23.65 5.18 0.63
N LYS B 95 -22.82 4.17 0.86
CA LYS B 95 -22.51 3.19 -0.17
C LYS B 95 -21.86 2.02 0.51
N GLU B 96 -21.76 0.94 -0.26
CA GLU B 96 -21.02 -0.26 0.08
C GLU B 96 -19.55 0.06 0.46
N GLN B 97 -19.05 -0.63 1.48
CA GLN B 97 -17.71 -0.42 1.97
C GLN B 97 -16.94 -1.73 1.94
N ASP B 98 -15.60 -1.65 1.90
CA ASP B 98 -14.73 -2.76 2.31
C ASP B 98 -13.83 -2.22 3.44
N LEU B 99 -12.91 -3.03 3.97
CA LEU B 99 -12.08 -2.50 5.09
C LEU B 99 -11.32 -1.19 4.76
N ASN B 100 -10.80 -1.13 3.54
CA ASN B 100 -9.97 -0.02 3.06
C ASN B 100 -10.74 1.30 3.04
N THR B 101 -11.92 1.30 2.40
CA THR B 101 -12.75 2.53 2.30
C THR B 101 -13.34 2.91 3.65
N ALA B 102 -13.75 1.92 4.42
CA ALA B 102 -14.26 2.14 5.78
C ALA B 102 -13.24 2.77 6.71
N MET B 103 -11.99 2.29 6.64
CA MET B 103 -10.94 2.82 7.49
C MET B 103 -10.61 4.23 7.05
N GLN B 104 -10.51 4.43 5.73
CA GLN B 104 -10.12 5.72 5.16
C GLN B 104 -11.12 6.83 5.50
N ASN B 105 -12.40 6.50 5.39
CA ASN B 105 -13.45 7.48 5.59
C ASN B 105 -14.10 7.40 6.99
N SER B 106 -13.49 6.62 7.88
CA SER B 106 -13.95 6.40 9.27
C SER B 106 -15.45 6.12 9.32
N VAL B 107 -15.91 5.16 8.50
CA VAL B 107 -17.35 4.95 8.32
C VAL B 107 -17.85 4.17 9.51
N VAL B 108 -18.61 4.84 10.38
CA VAL B 108 -18.95 4.29 11.71
C VAL B 108 -19.81 3.02 11.67
N TRP B 109 -20.75 2.96 10.75
CA TRP B 109 -21.60 1.79 10.75
C TRP B 109 -20.90 0.49 10.36
N TYR B 110 -19.80 0.61 9.60
CA TYR B 110 -19.01 -0.59 9.22
C TYR B 110 -18.47 -1.28 10.48
N PHE B 111 -17.85 -0.48 11.32
CA PHE B 111 -17.14 -0.99 12.49
C PHE B 111 -18.10 -1.36 13.61
N GLU B 112 -19.27 -0.69 13.64
CA GLU B 112 -20.36 -1.07 14.54
C GLU B 112 -20.96 -2.40 14.16
N ARG B 113 -21.09 -2.65 12.86
CA ARG B 113 -21.55 -3.96 12.41
C ARG B 113 -20.59 -5.08 12.81
N ILE B 114 -19.27 -4.83 12.75
CA ILE B 114 -18.26 -5.80 13.21
C ILE B 114 -18.42 -6.05 14.71
N SER B 115 -18.49 -4.97 15.46
CA SER B 115 -18.57 -4.99 16.91
C SER B 115 -19.83 -5.67 17.42
N ASP B 116 -20.92 -5.56 16.65
CA ASP B 116 -22.17 -6.28 16.92
C ASP B 116 -21.99 -7.81 16.88
N GLN B 117 -21.05 -8.31 16.07
CA GLN B 117 -20.82 -9.76 15.97
C GLN B 117 -19.72 -10.27 16.90
N ILE B 118 -19.17 -9.40 17.75
CA ILE B 118 -18.12 -9.81 18.68
C ILE B 118 -18.63 -9.97 20.12
N PRO B 119 -18.50 -11.19 20.69
CA PRO B 119 -18.93 -11.46 22.06
C PRO B 119 -18.08 -10.70 23.09
N LYS B 120 -18.71 -10.33 24.19
CA LYS B 120 -18.08 -9.49 25.22
C LYS B 120 -16.86 -10.17 25.88
N ASN B 121 -16.92 -11.47 26.09
CA ASN B 121 -15.81 -12.21 26.71
C ASN B 121 -14.52 -12.19 25.89
N TYR B 122 -14.65 -12.39 24.57
CA TYR B 122 -13.56 -12.25 23.61
C TYR B 122 -12.93 -10.87 23.71
N THR B 123 -13.76 -9.82 23.66
CA THR B 123 -13.23 -8.46 23.70
C THR B 123 -12.47 -8.22 25.01
N ALA B 124 -13.08 -8.61 26.13
CA ALA B 124 -12.49 -8.54 27.48
C ALA B 124 -11.12 -9.25 27.57
N THR B 125 -11.07 -10.48 27.04
CA THR B 125 -9.84 -11.24 26.87
C THR B 125 -8.77 -10.48 26.08
N GLN B 126 -9.17 -9.93 24.92
CA GLN B 126 -8.27 -9.16 24.08
C GLN B 126 -7.72 -7.93 24.76
N LEU B 127 -8.59 -7.14 25.41
CA LEU B 127 -8.11 -5.89 26.00
C LEU B 127 -7.25 -6.14 27.23
N LYS B 128 -7.47 -7.27 27.90
CA LYS B 128 -6.58 -7.74 28.98
C LYS B 128 -5.20 -8.11 28.47
N GLN B 129 -5.14 -8.91 27.39
CA GLN B 129 -3.85 -9.29 26.76
C GLN B 129 -3.10 -8.08 26.18
N LEU B 130 -3.84 -7.10 25.68
CA LEU B 130 -3.24 -5.95 25.01
C LEU B 130 -2.82 -4.86 25.99
N ASN B 131 -3.31 -4.97 27.23
CA ASN B 131 -3.22 -3.92 28.28
C ASN B 131 -3.83 -2.63 27.75
N TYR B 132 -5.03 -2.72 27.21
CA TYR B 132 -5.66 -1.57 26.54
C TYR B 132 -6.31 -0.67 27.59
N GLY B 133 -5.57 0.35 28.03
CA GLY B 133 -6.11 1.45 28.81
C GLY B 133 -6.76 1.00 30.10
N ASN B 134 -7.95 1.52 30.37
CA ASN B 134 -8.71 1.10 31.55
C ASN B 134 -9.49 -0.21 31.38
N LYS B 135 -9.46 -0.78 30.17
CA LYS B 135 -10.17 -2.05 29.84
C LYS B 135 -11.68 -2.08 30.19
N ASN B 136 -12.33 -0.91 30.18
CA ASN B 136 -13.69 -0.80 30.67
C ASN B 136 -14.66 -0.77 29.49
N LEU B 137 -15.41 -1.85 29.38
CA LEU B 137 -16.36 -2.05 28.29
C LEU B 137 -17.73 -1.42 28.54
N GLY B 138 -18.01 -1.01 29.77
CA GLY B 138 -19.27 -0.34 30.14
C GLY B 138 -20.52 -1.07 29.70
N SER B 139 -21.35 -0.38 28.92
CA SER B 139 -22.58 -0.96 28.36
C SER B 139 -22.37 -1.94 27.21
N TYR B 140 -21.13 -2.04 26.71
CA TYR B 140 -20.76 -2.85 25.53
C TYR B 140 -21.59 -2.53 24.28
N LYS B 141 -21.73 -1.25 24.00
CA LYS B 141 -22.37 -0.77 22.77
C LYS B 141 -21.33 -0.14 21.87
N SER B 142 -21.37 1.20 21.74
CA SER B 142 -20.30 1.93 21.06
C SER B 142 -19.36 2.46 22.15
N TYR B 143 -18.75 1.54 22.88
CA TYR B 143 -18.05 1.83 24.15
C TYR B 143 -16.75 2.63 23.95
N TRP B 144 -16.25 2.64 22.73
CA TRP B 144 -15.06 3.35 22.37
C TRP B 144 -15.33 4.80 21.95
N MET B 145 -16.61 5.21 21.81
CA MET B 145 -16.97 6.54 21.33
C MET B 145 -17.47 7.35 22.52
N GLU B 146 -16.58 8.18 23.07
CA GLU B 146 -16.85 9.05 24.23
C GLU B 146 -17.64 8.36 25.35
N ASP B 147 -17.16 7.19 25.78
CA ASP B 147 -17.96 6.36 26.67
C ASP B 147 -17.04 5.74 27.75
N SER B 148 -17.22 4.48 28.12
CA SER B 148 -16.50 3.92 29.27
C SER B 148 -15.00 3.63 29.03
N LEU B 149 -14.63 3.25 27.80
CA LEU B 149 -13.24 2.85 27.50
C LEU B 149 -12.34 4.05 27.30
N LYS B 150 -11.22 4.08 28.00
CA LYS B 150 -10.24 5.17 27.91
C LYS B 150 -8.81 4.61 27.84
N ILE B 151 -7.93 5.39 27.23
CA ILE B 151 -6.57 4.98 26.98
C ILE B 151 -5.73 6.25 26.93
N SER B 152 -4.51 6.19 27.46
CA SER B 152 -3.62 7.34 27.42
C SER B 152 -2.86 7.37 26.13
N ASN B 153 -2.35 8.56 25.78
CA ASN B 153 -1.48 8.79 24.63
C ASN B 153 -0.25 7.90 24.60
N LEU B 154 0.44 7.81 25.76
CA LEU B 154 1.53 6.84 25.95
C LEU B 154 1.14 5.39 25.67
N GLU B 155 -0.02 4.99 26.18
CA GLU B 155 -0.49 3.63 26.03
C GLU B 155 -0.87 3.31 24.60
N GLN B 156 -1.33 4.31 23.86
CA GLN B 156 -1.68 4.13 22.45
C GLN B 156 -0.46 3.65 21.68
N VAL B 157 0.70 4.26 21.93
CA VAL B 157 1.96 3.84 21.32
C VAL B 157 2.39 2.46 21.84
N ILE B 158 2.43 2.28 23.17
CA ILE B 158 2.80 0.98 23.72
C ILE B 158 1.97 -0.20 23.18
N VAL B 159 0.65 -0.05 23.20
CA VAL B 159 -0.27 -1.13 22.85
C VAL B 159 -0.19 -1.51 21.37
N PHE B 160 -0.12 -0.50 20.51
CA PHE B 160 -0.10 -0.71 19.05
C PHE B 160 1.21 -1.37 18.64
N LYS B 161 2.31 -0.84 19.17
CA LYS B 161 3.63 -1.39 18.91
C LYS B 161 3.67 -2.83 19.35
N ASN B 162 3.21 -3.11 20.56
CA ASN B 162 3.20 -4.47 21.04
C ASN B 162 2.26 -5.40 20.29
N MET B 163 1.10 -4.92 19.84
CA MET B 163 0.17 -5.81 19.12
C MET B 163 0.76 -6.24 17.78
N MET B 164 1.35 -5.27 17.08
CA MET B 164 1.92 -5.51 15.77
C MET B 164 3.31 -6.19 15.80
N GLU B 165 4.17 -5.82 16.75
CA GLU B 165 5.54 -6.34 16.73
C GLU B 165 5.81 -7.61 17.52
N GLN B 166 4.90 -8.03 18.40
CA GLN B 166 5.07 -9.26 19.18
CA GLN B 166 5.06 -9.26 19.19
C GLN B 166 4.43 -10.47 18.51
N ASN B 167 5.00 -11.66 18.75
CA ASN B 167 4.55 -12.94 18.19
C ASN B 167 3.30 -13.56 18.86
N ASN B 168 2.20 -12.80 18.87
CA ASN B 168 0.99 -13.19 19.60
C ASN B 168 0.06 -14.05 18.74
N HIS B 169 -1.19 -14.22 19.18
CA HIS B 169 -2.13 -15.09 18.46
C HIS B 169 -2.77 -14.45 17.21
N PHE B 170 -2.52 -13.17 16.99
CA PHE B 170 -2.90 -12.48 15.75
C PHE B 170 -1.96 -12.85 14.61
N SER B 171 -2.54 -13.29 13.50
CA SER B 171 -1.76 -13.79 12.36
C SER B 171 -1.07 -12.64 11.62
N LYS B 172 -0.02 -13.01 10.90
CA LYS B 172 0.74 -12.11 10.05
C LYS B 172 -0.11 -11.51 8.93
N LYS B 173 -0.97 -12.32 8.32
CA LYS B 173 -1.80 -11.80 7.24
C LYS B 173 -2.93 -10.85 7.70
N ALA B 174 -3.35 -11.00 8.97
CA ALA B 174 -4.34 -10.09 9.56
C ALA B 174 -3.69 -8.73 9.73
N LYS B 175 -2.48 -8.72 10.32
CA LYS B 175 -1.67 -7.53 10.51
C LYS B 175 -1.35 -6.84 9.18
N ASN B 176 -1.08 -7.63 8.14
CA ASN B 176 -0.79 -7.13 6.81
C ASN B 176 -1.99 -6.46 6.16
N GLN B 177 -3.16 -7.10 6.28
CA GLN B 177 -4.39 -6.50 5.80
C GLN B 177 -4.76 -5.23 6.62
N LEU B 178 -4.58 -5.29 7.94
CA LEU B 178 -4.74 -4.10 8.75
C LEU B 178 -3.81 -2.97 8.31
N SER B 179 -2.52 -3.27 8.15
CA SER B 179 -1.56 -2.27 7.69
C SER B 179 -1.93 -1.65 6.39
N SER B 180 -2.34 -2.47 5.43
CA SER B 180 -2.84 -1.98 4.15
C SER B 180 -3.96 -0.92 4.25
N SER B 181 -4.90 -1.15 5.14
CA SER B 181 -6.02 -0.22 5.31
C SER B 181 -5.61 1.10 5.97
N LEU B 182 -4.48 1.08 6.68
CA LEU B 182 -3.98 2.24 7.45
C LEU B 182 -2.97 3.09 6.66
N LEU B 183 -2.51 2.61 5.51
CA LEU B 183 -1.50 3.34 4.73
C LEU B 183 -2.04 4.68 4.27
N ILE B 184 -1.32 5.75 4.57
CA ILE B 184 -1.74 7.08 4.16
C ILE B 184 -0.83 7.63 3.09
N LYS B 185 0.49 7.52 3.28
CA LYS B 185 1.45 8.11 2.37
C LYS B 185 2.60 7.13 2.09
N LYS B 186 3.02 7.00 0.84
CA LYS B 186 4.22 6.24 0.47
C LYS B 186 5.04 7.02 -0.55
N ASN B 187 6.32 7.20 -0.28
CA ASN B 187 7.25 7.68 -1.26
C ASN B 187 8.58 6.97 -1.11
N GLU B 188 9.62 7.53 -1.71
CA GLU B 188 10.96 6.96 -1.70
C GLU B 188 11.62 6.97 -0.31
N LYS B 189 11.16 7.86 0.57
CA LYS B 189 11.78 8.02 1.89
C LYS B 189 11.05 7.26 2.99
N TYR B 190 9.71 7.19 2.89
CA TYR B 190 8.88 6.66 3.98
C TYR B 190 7.54 6.10 3.53
N GLU B 191 6.99 5.26 4.40
CA GLU B 191 5.58 4.90 4.35
C GLU B 191 5.02 5.38 5.67
N LEU B 192 3.88 6.09 5.60
CA LEU B 192 3.21 6.60 6.77
C LEU B 192 1.83 5.95 6.88
N TYR B 193 1.54 5.40 8.07
CA TYR B 193 0.33 4.72 8.36
C TYR B 193 -0.34 5.40 9.55
N GLY B 194 -1.67 5.38 9.58
CA GLY B 194 -2.36 6.04 10.71
C GLY B 194 -3.87 6.07 10.65
N LYS B 195 -4.47 6.38 11.81
CA LYS B 195 -5.90 6.53 11.99
C LYS B 195 -6.20 7.72 12.91
N THR B 196 -7.04 8.62 12.41
CA THR B 196 -7.61 9.71 13.19
C THR B 196 -8.75 9.24 14.12
N GLY B 197 -9.04 10.06 15.14
CA GLY B 197 -10.13 9.83 16.08
C GLY B 197 -10.60 11.20 16.55
N THR B 198 -11.90 11.44 16.58
CA THR B 198 -12.44 12.77 16.90
C THR B 198 -13.61 12.54 17.83
N GLY B 199 -13.66 13.24 18.95
CA GLY B 199 -14.84 13.17 19.80
C GLY B 199 -15.55 14.52 19.79
N ILE B 200 -16.87 14.46 19.65
CA ILE B 200 -17.74 15.64 19.65
C ILE B 200 -18.69 15.62 20.88
N VAL B 201 -18.68 16.71 21.66
CA VAL B 201 -19.53 16.86 22.83
C VAL B 201 -20.27 18.16 22.68
N ASN B 202 -21.60 18.09 22.58
CA ASN B 202 -22.48 19.25 22.35
C ASN B 202 -22.10 20.09 21.13
N GLY B 203 -21.77 19.43 20.02
CA GLY B 203 -21.38 20.14 18.82
C GLY B 203 -19.94 20.65 18.76
N LYS B 204 -19.19 20.57 19.86
CA LYS B 204 -17.79 21.00 19.82
C LYS B 204 -16.82 19.83 19.91
N TYR B 205 -15.65 20.01 19.30
CA TYR B 205 -14.56 19.07 19.39
C TYR B 205 -14.07 19.04 20.83
N ASN B 206 -13.85 17.84 21.37
CA ASN B 206 -13.43 17.69 22.76
CA ASN B 206 -13.39 17.74 22.75
C ASN B 206 -12.18 16.82 22.90
N ASN B 207 -11.82 16.13 21.81
CA ASN B 207 -10.93 15.00 21.88
C ASN B 207 -10.38 14.65 20.51
N GLY B 208 -9.07 14.70 20.33
CA GLY B 208 -8.54 14.49 18.97
C GLY B 208 -7.34 13.59 18.99
N TRP B 209 -7.27 12.63 18.05
CA TRP B 209 -6.17 11.66 18.04
C TRP B 209 -5.63 11.44 16.63
N PHE B 210 -4.34 11.16 16.53
CA PHE B 210 -3.82 10.51 15.34
C PHE B 210 -2.82 9.49 15.85
N VAL B 211 -3.07 8.21 15.58
CA VAL B 211 -2.27 7.08 16.09
C VAL B 211 -1.73 6.33 14.87
N GLY B 212 -0.45 6.04 14.83
CA GLY B 212 0.06 5.34 13.66
C GLY B 212 1.51 4.93 13.71
N TYR B 213 2.07 4.72 12.53
CA TYR B 213 3.48 4.40 12.43
C TYR B 213 4.08 4.80 11.11
N VAL B 214 5.39 5.00 11.13
CA VAL B 214 6.21 5.35 9.96
C VAL B 214 7.29 4.28 9.80
N ILE B 215 7.45 3.78 8.58
CA ILE B 215 8.58 2.96 8.21
C ILE B 215 9.48 3.77 7.29
N THR B 216 10.73 3.95 7.66
CA THR B 216 11.69 4.58 6.75
C THR B 216 12.65 3.50 6.23
N ASN B 217 13.69 3.88 5.50
CA ASN B 217 14.69 2.88 5.07
C ASN B 217 15.54 2.39 6.26
N HIS B 218 15.56 3.17 7.33
CA HIS B 218 16.49 3.00 8.44
C HIS B 218 15.85 2.47 9.72
N ASP B 219 14.53 2.67 9.89
CA ASP B 219 13.86 2.46 11.17
C ASP B 219 12.34 2.40 11.02
N LYS B 220 11.69 2.06 12.13
CA LYS B 220 10.25 2.04 12.18
C LYS B 220 9.84 2.77 13.44
N TYR B 221 8.86 3.64 13.32
CA TYR B 221 8.51 4.49 14.45
C TYR B 221 7.02 4.44 14.70
N TYR B 222 6.62 4.21 15.95
CA TYR B 222 5.22 4.22 16.32
C TYR B 222 4.98 5.56 17.02
N PHE B 223 3.85 6.20 16.74
CA PHE B 223 3.59 7.49 17.33
C PHE B 223 2.12 7.69 17.63
N ALA B 224 1.86 8.67 18.49
CA ALA B 224 0.50 9.12 18.72
C ALA B 224 0.44 10.57 19.22
N THR B 225 -0.47 11.34 18.65
CA THR B 225 -0.77 12.72 19.13
C THR B 225 -2.17 12.71 19.73
N HIS B 226 -2.34 13.20 20.95
CA HIS B 226 -3.66 13.48 21.50
C HIS B 226 -3.84 14.97 21.70
N LEU B 227 -5.01 15.50 21.34
CA LEU B 227 -5.34 16.87 21.70
C LEU B 227 -6.56 16.89 22.61
N SER B 228 -6.42 17.59 23.75
CA SER B 228 -7.45 17.68 24.81
C SER B 228 -8.19 18.99 24.82
N ASP B 229 -7.64 20.03 24.21
CA ASP B 229 -8.27 21.35 24.18
C ASP B 229 -7.69 22.21 23.06
N GLY B 230 -8.33 23.35 22.77
CA GLY B 230 -7.94 24.23 21.68
C GLY B 230 -8.89 23.94 20.54
N LYS B 231 -8.38 23.27 19.52
CA LYS B 231 -9.21 22.69 18.46
C LYS B 231 -8.93 21.17 18.40
N PRO B 232 -9.53 20.39 19.32
CA PRO B 232 -9.10 19.00 19.47
C PRO B 232 -9.77 18.04 18.50
N SER B 233 -9.43 18.10 17.22
CA SER B 233 -10.04 17.16 16.27
C SER B 233 -8.94 16.22 15.77
N GLY B 234 -9.35 15.08 15.22
CA GLY B 234 -8.42 14.09 14.60
C GLY B 234 -7.62 14.70 13.45
N LYS B 235 -8.30 15.44 12.59
CA LYS B 235 -7.68 16.22 11.49
C LYS B 235 -6.53 17.08 11.99
N ASN B 236 -6.78 17.83 13.07
CA ASN B 236 -5.76 18.70 13.64
C ASN B 236 -4.65 17.91 14.33
N ALA B 237 -5.03 16.83 15.01
CA ALA B 237 -4.06 15.92 15.62
C ALA B 237 -3.15 15.27 14.55
N GLU B 238 -3.72 15.00 13.38
CA GLU B 238 -2.96 14.55 12.22
C GLU B 238 -1.97 15.60 11.68
N LEU B 239 -2.43 16.85 11.52
CA LEU B 239 -1.57 17.92 11.02
CA LEU B 239 -1.56 17.92 11.01
C LEU B 239 -0.36 18.14 11.94
N ILE B 240 -0.65 18.14 13.25
CA ILE B 240 0.38 18.34 14.28
C ILE B 240 1.43 17.23 14.28
N SER B 241 0.96 15.99 14.09
CA SER B 241 1.80 14.82 14.04
C SER B 241 2.78 14.93 12.89
N GLU B 242 2.28 15.33 11.73
CA GLU B 242 3.11 15.43 10.54
C GLU B 242 4.16 16.51 10.69
N LYS B 243 3.79 17.64 11.29
CA LYS B 243 4.74 18.73 11.53
C LYS B 243 5.81 18.34 12.56
N ILE B 244 5.40 17.56 13.57
CA ILE B 244 6.35 17.03 14.53
C ILE B 244 7.30 16.03 13.87
N LEU B 245 6.75 15.09 13.10
CA LEU B 245 7.60 14.09 12.45
C LEU B 245 8.58 14.67 11.42
N LYS B 246 8.15 15.73 10.72
CA LYS B 246 8.98 16.37 9.74
C LYS B 246 10.15 17.09 10.42
N GLU B 247 9.84 17.84 11.49
CA GLU B 247 10.83 18.53 12.31
C GLU B 247 11.81 17.58 13.02
N MET B 248 11.34 16.43 13.48
CA MET B 248 12.25 15.45 14.10
C MET B 248 13.14 14.67 13.10
N GLY B 249 12.87 14.79 11.79
CA GLY B 249 13.66 14.15 10.76
C GLY B 249 13.17 12.77 10.33
N VAL B 250 12.04 12.35 10.89
CA VAL B 250 11.41 11.08 10.55
C VAL B 250 10.92 11.07 9.08
N LEU B 251 10.48 12.22 8.59
CA LEU B 251 10.02 12.35 7.20
C LEU B 251 11.02 12.90 6.16
N ASN B 252 12.32 12.99 6.49
CA ASN B 252 13.36 13.28 5.45
C ASN B 252 14.44 12.19 5.25
#